data_1DUQ
#
_entry.id   1DUQ
#
_cell.length_a   23.993
_cell.length_b   53.930
_cell.length_c   64.729
_cell.angle_alpha   114.52
_cell.angle_beta   89.88
_cell.angle_gamma   102.85
#
_symmetry.space_group_name_H-M   'P 1'
#
loop_
_entity.id
_entity.type
_entity.pdbx_description
1 polymer 'THE REV BINDING ELEMENT'
2 polymer 'THE REV BINDING ELEMENT'
3 non-polymer 'SODIUM ION'
4 water water
#
loop_
_entity_poly.entity_id
_entity_poly.type
_entity_poly.pdbx_seq_one_letter_code
_entity_poly.pdbx_strand_id
1 'polyribonucleotide' GCUGGGCGCAGG A,C,E,G
2 'polyribonucleotide' CCUGACGGUACAGC B,D,F,H
#